data_3PMS
#
_entry.id   3PMS
#
_cell.length_a   40.96
_cell.length_b   90.56
_cell.length_c   48.81
_cell.angle_alpha   90.000
_cell.angle_beta   112.300
_cell.angle_gamma   90.000
#
_symmetry.space_group_name_H-M   'P 1 21 1'
#
loop_
_entity.id
_entity.type
_entity.pdbx_description
1 polymer 'Peptide:N-glycosidase F'
2 non-polymer 'SULFATE ION'
3 non-polymer GLYCEROL
4 non-polymer 'ACETATE ION'
5 water water
#
_entity_poly.entity_id   1
_entity_poly.type   'polypeptide(L)'
_entity_poly.pdbx_seq_one_letter_code
;GIPAPADNTVNIKTFDKVKNAFGDGLSQSAEGTFTFPADVTAVKTIKMFIKNECPNKTCDEWDRYANVYVKNKTTGEWYE
IGRFITPYWVGTEKLPRGLEIDVTDFKSLLSGNTELKIYTETWLAKGREYSVDFDIVYGTPDYKYSAVVPVVQYNKSSID
GVPYGKAHTLALKKNIQLPTNTEKAYLRTTISGWGHAKPYDAGSRGCAEWCFRTHTIAINNSNTFQHQLGALGCSANPIN
NQSPGNWTPDRAGWCPGMAVPTRIDVLNNSLIGSTFSYEYKFQNWTNNGTNGDAFYAISSFVIAKSNTPISAPVVTNLDP
HHHHHH
;
_entity_poly.pdbx_strand_id   A
#
# COMPACT_ATOMS: atom_id res chain seq x y z
N ASP A 7 -3.10 -20.97 -20.83
CA ASP A 7 -2.88 -21.60 -19.50
C ASP A 7 -3.60 -20.78 -18.43
N ASN A 8 -4.57 -19.99 -18.87
CA ASN A 8 -5.49 -19.25 -18.00
C ASN A 8 -4.93 -17.92 -17.52
N THR A 9 -3.73 -17.54 -17.97
CA THR A 9 -3.07 -16.29 -17.49
C THR A 9 -2.76 -15.36 -18.66
N VAL A 10 -3.04 -14.08 -18.47
CA VAL A 10 -2.68 -13.06 -19.44
C VAL A 10 -1.72 -12.11 -18.71
N ASN A 11 -0.68 -11.66 -19.41
CA ASN A 11 0.30 -10.73 -18.87
C ASN A 11 0.16 -9.38 -19.56
N ILE A 12 0.06 -8.32 -18.75
CA ILE A 12 -0.09 -6.98 -19.26
C ILE A 12 1.14 -6.18 -18.87
N LYS A 13 1.91 -5.76 -19.85
CA LYS A 13 3.04 -4.85 -19.64
C LYS A 13 2.56 -3.43 -19.54
N THR A 14 3.00 -2.71 -18.51
CA THR A 14 2.62 -1.33 -18.33
C THR A 14 3.83 -0.44 -18.32
N PHE A 15 4.18 0.15 -17.20
CA PHE A 15 5.33 1.04 -17.19
C PHE A 15 6.55 0.28 -17.67
N ASP A 16 7.43 0.94 -18.46
CA ASP A 16 8.63 0.28 -18.97
C ASP A 16 9.73 1.31 -19.01
N LYS A 17 10.69 1.07 -18.15
CA LYS A 17 11.83 1.97 -17.98
C LYS A 17 11.41 3.39 -17.61
N VAL A 18 10.44 3.53 -16.71
CA VAL A 18 9.98 4.84 -16.30
C VAL A 18 10.83 5.31 -15.12
N LYS A 19 11.10 6.60 -15.09
CA LYS A 19 12.01 7.13 -14.05
C LYS A 19 11.24 8.05 -13.10
N ASN A 20 11.44 7.83 -11.79
CA ASN A 20 11.02 8.73 -10.79
C ASN A 20 12.28 9.39 -10.21
N ALA A 21 12.32 10.69 -10.28
CA ALA A 21 13.58 11.45 -9.92
C ALA A 21 13.24 12.84 -9.44
N PHE A 22 14.24 13.53 -8.91
CA PHE A 22 13.95 14.82 -8.31
C PHE A 22 14.97 15.81 -8.90
N GLY A 23 14.44 16.87 -9.47
CA GLY A 23 15.28 17.86 -10.13
C GLY A 23 14.52 18.65 -11.16
N ASP A 24 15.22 19.57 -11.80
CA ASP A 24 14.58 20.45 -12.73
C ASP A 24 14.18 19.63 -13.94
N GLY A 25 12.90 19.71 -14.29
CA GLY A 25 12.38 18.95 -15.43
C GLY A 25 12.22 17.45 -15.17
N LEU A 26 12.42 17.04 -13.90
CA LEU A 26 12.21 15.64 -13.46
C LEU A 26 11.00 15.57 -12.54
N SER A 27 10.42 14.37 -12.37
CA SER A 27 9.23 14.25 -11.50
C SER A 27 9.31 12.96 -10.67
N GLN A 28 8.93 13.09 -9.42
CA GLN A 28 8.99 11.97 -8.49
C GLN A 28 7.91 10.95 -8.88
N SER A 29 6.91 11.37 -9.62
CA SER A 29 5.90 10.44 -10.09
C SER A 29 5.82 10.37 -11.60
N ALA A 30 5.36 9.23 -12.10
CA ALA A 30 5.14 9.00 -13.52
C ALA A 30 3.70 8.47 -13.68
N GLU A 31 3.04 8.81 -14.77
CA GLU A 31 1.73 8.36 -15.10
C GLU A 31 1.69 7.81 -16.51
N GLY A 32 0.77 6.90 -16.71
CA GLY A 32 0.52 6.34 -18.03
C GLY A 32 -0.86 5.76 -18.13
N THR A 33 -1.31 5.53 -19.36
CA THR A 33 -2.59 4.92 -19.66
C THR A 33 -2.39 3.63 -20.43
N PHE A 34 -2.87 2.53 -19.86
CA PHE A 34 -2.54 1.19 -20.30
C PHE A 34 -3.78 0.37 -20.57
N THR A 35 -3.75 -0.42 -21.64
CA THR A 35 -4.87 -1.28 -21.98
C THR A 35 -4.90 -2.57 -21.20
N PHE A 36 -5.96 -2.71 -20.36
CA PHE A 36 -6.30 -3.96 -19.70
C PHE A 36 -7.50 -4.53 -20.42
N PRO A 37 -7.62 -5.89 -20.35
CA PRO A 37 -8.85 -6.51 -20.92
C PRO A 37 -10.10 -5.91 -20.29
N ALA A 38 -11.19 -5.81 -21.06
CA ALA A 38 -12.40 -5.16 -20.57
C ALA A 38 -13.15 -6.01 -19.53
N ASP A 39 -13.24 -7.30 -19.74
CA ASP A 39 -14.11 -8.17 -18.91
C ASP A 39 -13.27 -8.76 -17.75
N VAL A 40 -13.67 -8.41 -16.52
CA VAL A 40 -13.10 -8.97 -15.32
C VAL A 40 -13.99 -9.92 -14.54
N THR A 41 -15.09 -10.37 -15.18
CA THR A 41 -16.03 -11.24 -14.48
C THR A 41 -15.43 -12.60 -14.12
N ALA A 42 -14.40 -13.08 -14.84
CA ALA A 42 -13.80 -14.38 -14.56
C ALA A 42 -12.42 -14.24 -13.98
N VAL A 43 -12.03 -13.01 -13.56
CA VAL A 43 -10.74 -12.85 -12.92
C VAL A 43 -10.75 -13.44 -11.51
N LYS A 44 -9.80 -14.34 -11.26
CA LYS A 44 -9.55 -14.90 -9.93
CA LYS A 44 -9.57 -14.88 -9.93
C LYS A 44 -8.47 -14.11 -9.16
N THR A 45 -7.39 -13.78 -9.85
CA THR A 45 -6.23 -13.18 -9.19
C THR A 45 -5.62 -12.18 -10.18
N ILE A 46 -5.13 -11.05 -9.68
CA ILE A 46 -4.22 -10.16 -10.41
C ILE A 46 -2.99 -9.92 -9.55
N LYS A 47 -1.83 -10.26 -10.08
CA LYS A 47 -0.55 -10.02 -9.40
C LYS A 47 0.19 -8.91 -10.14
N MET A 48 0.63 -7.92 -9.40
CA MET A 48 1.44 -6.82 -9.92
C MET A 48 2.88 -7.13 -9.60
N PHE A 49 3.76 -6.94 -10.58
CA PHE A 49 5.18 -7.12 -10.40
C PHE A 49 5.94 -5.88 -10.73
N ILE A 50 6.78 -5.44 -9.78
CA ILE A 50 7.54 -4.16 -9.88
C ILE A 50 9.03 -4.51 -9.98
N LYS A 51 9.60 -4.27 -11.15
CA LYS A 51 11.07 -4.40 -11.36
C LYS A 51 11.72 -3.06 -11.27
N ASN A 52 12.80 -3.00 -10.48
CA ASN A 52 13.58 -1.78 -10.34
C ASN A 52 14.97 -2.07 -10.89
N GLU A 53 15.28 -1.39 -12.01
CA GLU A 53 16.56 -1.56 -12.70
C GLU A 53 17.51 -0.53 -12.20
N CYS A 54 18.55 -0.98 -11.50
CA CYS A 54 19.58 -0.10 -10.92
C CYS A 54 20.99 -0.71 -11.12
N PRO A 55 21.45 -0.75 -12.37
CA PRO A 55 22.80 -1.25 -12.59
C PRO A 55 23.88 -0.24 -12.14
N ASN A 56 24.97 -0.78 -11.60
CA ASN A 56 26.21 -0.01 -11.42
C ASN A 56 26.02 1.21 -10.55
N LYS A 57 25.19 1.10 -9.51
CA LYS A 57 24.96 2.21 -8.60
C LYS A 57 24.54 3.51 -9.28
N THR A 58 23.68 3.39 -10.29
CA THR A 58 23.23 4.53 -11.06
C THR A 58 21.92 5.16 -10.51
N CYS A 59 21.42 4.61 -9.40
CA CYS A 59 20.19 5.12 -8.81
C CYS A 59 20.43 5.74 -7.45
N ASP A 60 19.42 6.47 -6.98
CA ASP A 60 19.38 7.00 -5.62
C ASP A 60 19.49 5.83 -4.66
N GLU A 61 20.59 5.77 -3.90
CA GLU A 61 20.92 4.57 -3.24
C GLU A 61 20.14 4.32 -1.94
N TRP A 62 19.36 5.29 -1.51
CA TRP A 62 18.63 5.18 -0.26
C TRP A 62 17.42 4.25 -0.42
N ASP A 63 16.95 3.78 0.73
CA ASP A 63 15.73 2.96 0.79
C ASP A 63 14.50 3.87 0.87
N ARG A 64 13.89 4.13 -0.29
CA ARG A 64 12.87 5.14 -0.42
C ARG A 64 11.46 4.51 -0.44
N TYR A 65 10.56 5.21 0.20
CA TYR A 65 9.11 4.94 0.08
C TYR A 65 8.72 5.02 -1.37
N ALA A 66 7.87 4.10 -1.82
CA ALA A 66 7.38 4.13 -3.19
C ALA A 66 6.03 3.47 -3.25
N ASN A 67 5.19 3.93 -4.20
CA ASN A 67 3.87 3.34 -4.34
C ASN A 67 3.28 3.47 -5.74
N VAL A 68 2.28 2.62 -6.01
CA VAL A 68 1.59 2.53 -7.31
C VAL A 68 0.12 2.79 -7.07
N TYR A 69 -0.47 3.58 -7.94
CA TYR A 69 -1.91 3.95 -7.89
C TYR A 69 -2.63 3.61 -9.22
N VAL A 70 -3.95 3.37 -9.12
CA VAL A 70 -4.91 3.26 -10.24
C VAL A 70 -5.87 4.41 -10.08
N LYS A 71 -6.23 5.00 -11.20
CA LYS A 71 -7.22 6.10 -11.20
C LYS A 71 -8.62 5.61 -11.39
N ASN A 72 -9.55 6.04 -10.53
CA ASN A 72 -10.98 5.82 -10.71
C ASN A 72 -11.47 6.73 -11.87
N LYS A 73 -12.01 6.07 -12.88
CA LYS A 73 -12.25 6.65 -14.22
C LYS A 73 -13.35 7.67 -14.06
N THR A 74 -14.23 7.52 -13.07
CA THR A 74 -15.35 8.47 -12.91
C THR A 74 -15.07 9.63 -11.95
N THR A 75 -14.38 9.38 -10.81
CA THR A 75 -14.12 10.40 -9.82
C THR A 75 -12.79 11.13 -10.02
N GLY A 76 -11.89 10.50 -10.79
CA GLY A 76 -10.55 11.03 -10.99
C GLY A 76 -9.59 10.77 -9.83
N GLU A 77 -10.04 10.09 -8.78
CA GLU A 77 -9.20 9.90 -7.59
C GLU A 77 -8.20 8.74 -7.84
N TRP A 78 -7.01 8.94 -7.31
CA TRP A 78 -5.94 7.92 -7.31
C TRP A 78 -6.13 7.03 -6.11
N TYR A 79 -6.09 5.72 -6.35
CA TYR A 79 -6.15 4.69 -5.28
C TYR A 79 -4.83 3.96 -5.21
N GLU A 80 -4.28 3.91 -4.01
CA GLU A 80 -3.00 3.19 -3.83
C GLU A 80 -3.23 1.70 -3.87
N ILE A 81 -2.65 1.02 -4.84
CA ILE A 81 -2.84 -0.42 -4.98
C ILE A 81 -1.68 -1.25 -4.40
N GLY A 82 -0.52 -0.62 -4.22
CA GLY A 82 0.65 -1.31 -3.68
C GLY A 82 1.72 -0.29 -3.20
N ARG A 83 2.46 -0.69 -2.18
CA ARG A 83 3.49 0.14 -1.61
C ARG A 83 4.73 -0.71 -1.39
N PHE A 84 5.91 -0.11 -1.54
CA PHE A 84 7.13 -0.81 -1.26
C PHE A 84 8.20 0.17 -0.84
N ILE A 85 9.29 -0.36 -0.30
CA ILE A 85 10.48 0.42 0.04
C ILE A 85 11.60 -0.05 -0.84
N THR A 86 12.24 0.85 -1.59
CA THR A 86 13.33 0.36 -2.47
C THR A 86 14.43 -0.24 -1.64
N PRO A 87 15.15 -1.18 -2.25
CA PRO A 87 16.38 -1.66 -1.60
C PRO A 87 17.38 -0.53 -1.52
N TYR A 88 18.34 -0.64 -0.59
CA TYR A 88 19.51 0.23 -0.68
C TYR A 88 20.42 -0.24 -1.83
N TRP A 89 20.99 0.77 -2.47
CA TRP A 89 22.11 0.61 -3.47
C TRP A 89 21.76 -0.08 -4.78
N VAL A 90 20.99 -1.16 -4.72
CA VAL A 90 20.71 -2.05 -5.83
C VAL A 90 19.19 -1.98 -6.17
N GLY A 91 18.84 -2.59 -7.30
CA GLY A 91 17.42 -2.82 -7.67
C GLY A 91 16.93 -4.19 -7.25
N THR A 92 15.96 -4.76 -7.98
CA THR A 92 15.29 -5.98 -7.60
C THR A 92 15.80 -7.20 -8.35
N GLU A 93 17.00 -7.03 -8.95
CA GLU A 93 17.47 -7.98 -9.92
CA GLU A 93 17.49 -8.02 -9.91
C GLU A 93 17.62 -9.39 -9.30
N LYS A 94 17.82 -9.48 -7.96
CA LYS A 94 17.83 -10.78 -7.31
C LYS A 94 16.50 -11.52 -7.42
N LEU A 95 15.41 -10.76 -7.69
CA LEU A 95 14.12 -11.35 -8.01
C LEU A 95 13.89 -11.22 -9.53
N PRO A 96 13.86 -12.36 -10.23
CA PRO A 96 13.76 -12.24 -11.67
C PRO A 96 12.49 -11.54 -12.15
N ARG A 97 11.40 -11.71 -11.40
CA ARG A 97 10.15 -11.06 -11.84
C ARG A 97 9.85 -9.75 -11.14
N GLY A 98 10.67 -9.40 -10.17
CA GLY A 98 10.43 -8.18 -9.37
C GLY A 98 9.66 -8.46 -8.08
N LEU A 99 9.34 -7.35 -7.43
CA LEU A 99 8.53 -7.38 -6.22
C LEU A 99 7.08 -7.63 -6.58
N GLU A 100 6.42 -8.53 -5.86
CA GLU A 100 5.09 -8.99 -6.17
C GLU A 100 4.08 -8.52 -5.14
N ILE A 101 3.01 -7.93 -5.61
CA ILE A 101 1.88 -7.42 -4.76
C ILE A 101 0.56 -7.90 -5.44
N ASP A 102 -0.30 -8.54 -4.66
CA ASP A 102 -1.58 -8.96 -5.16
C ASP A 102 -2.50 -7.71 -5.19
N VAL A 103 -3.06 -7.44 -6.35
CA VAL A 103 -3.96 -6.28 -6.56
C VAL A 103 -5.36 -6.72 -7.08
N THR A 104 -5.70 -7.97 -6.81
CA THR A 104 -7.01 -8.54 -7.21
C THR A 104 -8.14 -7.67 -6.70
N ASP A 105 -8.01 -7.13 -5.49
CA ASP A 105 -9.03 -6.24 -4.96
C ASP A 105 -9.44 -5.11 -5.83
N PHE A 106 -8.51 -4.66 -6.72
CA PHE A 106 -8.81 -3.60 -7.65
C PHE A 106 -9.18 -4.02 -9.05
N LYS A 107 -9.55 -5.29 -9.23
CA LYS A 107 -9.82 -5.81 -10.58
C LYS A 107 -10.92 -4.95 -11.22
N SER A 108 -11.90 -4.43 -10.47
CA SER A 108 -12.91 -3.58 -11.10
C SER A 108 -12.44 -2.30 -11.75
N LEU A 109 -11.26 -1.87 -11.33
CA LEU A 109 -10.63 -0.68 -11.86
C LEU A 109 -9.56 -1.03 -12.90
N LEU A 110 -9.09 -2.26 -12.93
CA LEU A 110 -8.00 -2.66 -13.85
C LEU A 110 -8.64 -3.36 -15.07
N SER A 111 -9.33 -2.51 -15.84
CA SER A 111 -10.25 -2.92 -16.88
C SER A 111 -10.32 -1.81 -17.95
N GLY A 112 -10.12 -2.20 -19.22
CA GLY A 112 -10.07 -1.24 -20.28
C GLY A 112 -8.85 -0.32 -20.14
N ASN A 113 -8.89 0.83 -20.81
CA ASN A 113 -7.79 1.77 -20.78
C ASN A 113 -7.76 2.47 -19.47
N THR A 114 -6.67 2.19 -18.71
CA THR A 114 -6.64 2.47 -17.28
C THR A 114 -5.40 3.33 -16.97
N GLU A 115 -5.59 4.37 -16.17
CA GLU A 115 -4.48 5.27 -15.78
C GLU A 115 -3.86 4.70 -14.50
N LEU A 116 -2.51 4.59 -14.52
CA LEU A 116 -1.66 4.20 -13.37
C LEU A 116 -0.67 5.29 -13.07
N LYS A 117 -0.18 5.30 -11.83
CA LYS A 117 0.85 6.24 -11.38
C LYS A 117 1.83 5.50 -10.52
N ILE A 118 3.13 5.72 -10.74
CA ILE A 118 4.15 5.19 -9.84
C ILE A 118 5.00 6.33 -9.28
N TYR A 119 5.18 6.33 -7.97
CA TYR A 119 5.86 7.40 -7.23
C TYR A 119 6.95 6.83 -6.37
N THR A 120 8.06 7.61 -6.28
CA THR A 120 9.16 7.30 -5.35
C THR A 120 9.55 8.57 -4.64
N GLU A 121 9.69 8.47 -3.32
CA GLU A 121 10.08 9.62 -2.48
C GLU A 121 11.59 9.81 -2.62
N THR A 122 12.02 10.08 -3.84
CA THR A 122 13.45 10.15 -4.19
C THR A 122 13.81 11.62 -4.21
N TRP A 123 15.00 11.91 -3.66
CA TRP A 123 15.44 13.29 -3.57
C TRP A 123 16.72 13.57 -4.39
N LEU A 124 16.93 12.78 -5.43
CA LEU A 124 18.18 12.83 -6.22
C LEU A 124 17.80 12.75 -7.69
N ALA A 125 18.54 13.44 -8.57
CA ALA A 125 18.27 13.31 -9.99
C ALA A 125 18.44 11.88 -10.49
N LYS A 126 19.33 11.09 -9.86
CA LYS A 126 19.60 9.73 -10.30
C LYS A 126 18.29 8.90 -10.17
N GLY A 127 17.50 9.21 -9.15
CA GLY A 127 16.18 8.57 -8.95
C GLY A 127 16.18 7.07 -8.94
N ARG A 128 15.05 6.50 -9.37
CA ARG A 128 14.82 5.08 -9.51
C ARG A 128 14.02 4.86 -10.81
N GLU A 129 14.29 3.74 -11.42
CA GLU A 129 13.71 3.36 -12.72
C GLU A 129 12.99 2.05 -12.62
N TYR A 130 11.77 1.97 -13.19
CA TYR A 130 10.93 0.78 -12.97
C TYR A 130 10.31 0.23 -14.22
N SER A 131 9.96 -1.05 -14.20
CA SER A 131 9.04 -1.64 -15.20
C SER A 131 8.01 -2.38 -14.36
N VAL A 132 6.74 -2.27 -14.72
CA VAL A 132 5.65 -2.87 -13.95
C VAL A 132 4.76 -3.70 -14.89
N ASP A 133 4.47 -4.92 -14.49
CA ASP A 133 3.60 -5.77 -15.27
C ASP A 133 2.61 -6.49 -14.38
N PHE A 134 1.55 -7.00 -14.97
CA PHE A 134 0.45 -7.62 -14.25
C PHE A 134 0.13 -8.97 -14.86
N ASP A 135 0.03 -9.97 -14.01
CA ASP A 135 -0.51 -11.29 -14.40
C ASP A 135 -1.97 -11.30 -13.98
N ILE A 136 -2.84 -11.59 -14.96
CA ILE A 136 -4.29 -11.75 -14.70
C ILE A 136 -4.60 -13.23 -14.87
N VAL A 137 -5.10 -13.85 -13.81
CA VAL A 137 -5.37 -15.29 -13.77
C VAL A 137 -6.88 -15.46 -13.78
N TYR A 138 -7.37 -16.13 -14.82
CA TYR A 138 -8.79 -16.32 -15.02
C TYR A 138 -9.24 -17.69 -14.46
N GLY A 139 -10.47 -17.72 -13.99
CA GLY A 139 -11.12 -19.00 -13.59
C GLY A 139 -12.51 -18.69 -13.14
N THR A 140 -12.86 -19.11 -11.92
CA THR A 140 -14.21 -18.97 -11.37
C THR A 140 -14.07 -18.43 -9.94
N PRO A 141 -14.07 -17.08 -9.82
CA PRO A 141 -14.08 -16.53 -8.51
C PRO A 141 -15.33 -16.94 -7.78
N ASP A 142 -15.25 -16.90 -6.47
CA ASP A 142 -16.44 -17.18 -5.68
C ASP A 142 -17.53 -16.11 -5.93
N TYR A 143 -17.12 -14.88 -6.23
CA TYR A 143 -18.06 -13.76 -6.48
C TYR A 143 -17.73 -13.08 -7.81
N LYS A 144 -18.71 -13.07 -8.69
CA LYS A 144 -18.49 -12.54 -10.05
C LYS A 144 -18.18 -11.03 -10.09
N TYR A 145 -18.71 -10.29 -9.11
CA TYR A 145 -18.67 -8.84 -9.10
C TYR A 145 -17.99 -8.32 -7.84
N SER A 146 -17.21 -7.26 -8.01
CA SER A 146 -16.56 -6.61 -6.89
C SER A 146 -16.55 -5.11 -7.07
N ALA A 147 -16.42 -4.37 -5.97
CA ALA A 147 -16.26 -2.91 -6.00
C ALA A 147 -15.46 -2.51 -4.81
N VAL A 148 -14.65 -1.48 -5.02
CA VAL A 148 -13.68 -1.02 -4.02
C VAL A 148 -13.62 0.48 -3.95
N VAL A 149 -13.55 1.03 -2.76
CA VAL A 149 -13.38 2.47 -2.55
C VAL A 149 -12.46 2.72 -1.34
N PRO A 150 -11.73 3.82 -1.33
CA PRO A 150 -10.93 4.17 -0.18
C PRO A 150 -11.76 4.65 0.99
N VAL A 151 -11.32 4.23 2.16
CA VAL A 151 -11.82 4.75 3.43
C VAL A 151 -10.95 5.91 3.93
N VAL A 152 -9.63 5.68 3.98
CA VAL A 152 -8.65 6.76 4.23
C VAL A 152 -7.45 6.58 3.33
N GLN A 153 -6.80 7.66 2.93
CA GLN A 153 -5.49 7.61 2.28
C GLN A 153 -4.66 8.81 2.74
N TYR A 154 -3.72 8.52 3.61
CA TYR A 154 -2.69 9.44 4.07
C TYR A 154 -1.35 8.83 3.68
N ASN A 155 -1.01 8.95 2.36
CA ASN A 155 -0.02 8.09 1.74
C ASN A 155 0.75 8.65 0.58
N LYS A 156 0.66 9.97 0.38
CA LYS A 156 1.38 10.56 -0.70
C LYS A 156 2.89 10.38 -0.55
N SER A 157 3.39 10.37 0.70
CA SER A 157 4.77 10.09 0.98
C SER A 157 4.88 9.63 2.41
N SER A 158 6.05 9.22 2.86
CA SER A 158 6.22 8.73 4.22
C SER A 158 5.86 9.86 5.25
N ILE A 159 6.24 11.10 4.96
CA ILE A 159 6.01 12.19 5.93
C ILE A 159 4.66 12.88 5.77
N ASP A 160 3.85 12.42 4.80
CA ASP A 160 2.44 12.79 4.68
C ASP A 160 1.48 11.82 5.37
N GLY A 161 2.08 10.86 6.07
CA GLY A 161 1.31 10.00 6.93
C GLY A 161 0.69 10.75 8.08
N VAL A 162 -0.09 10.00 8.83
CA VAL A 162 -0.71 10.53 10.05
C VAL A 162 0.37 10.80 11.11
N PRO A 163 0.46 12.03 11.66
CA PRO A 163 1.39 12.25 12.76
C PRO A 163 1.12 11.28 13.90
N TYR A 164 2.19 10.80 14.48
CA TYR A 164 2.15 9.86 15.60
C TYR A 164 2.83 10.47 16.80
N GLY A 165 2.13 10.43 17.91
CA GLY A 165 2.69 10.95 19.18
C GLY A 165 2.46 12.43 19.36
N LYS A 166 1.70 13.06 18.48
CA LYS A 166 1.53 14.52 18.38
C LYS A 166 0.08 14.59 18.03
N ALA A 167 -0.59 15.66 18.45
CA ALA A 167 -2.00 15.87 18.05
C ALA A 167 -2.15 16.24 16.55
N HIS A 168 -3.32 15.93 15.98
CA HIS A 168 -3.58 16.18 14.54
C HIS A 168 -5.09 16.20 14.24
N THR A 169 -5.48 16.74 13.09
CA THR A 169 -6.90 16.89 12.81
C THR A 169 -7.38 16.02 11.60
N LEU A 170 -6.61 14.97 11.29
CA LEU A 170 -6.96 14.02 10.22
C LEU A 170 -8.14 13.13 10.62
N ALA A 171 -9.12 12.94 9.73
CA ALA A 171 -10.25 12.01 9.97
C ALA A 171 -9.73 10.60 9.90
N LEU A 172 -9.81 9.93 11.04
CA LEU A 172 -9.63 8.48 10.92
CA LEU A 172 -9.49 8.59 11.35
C LEU A 172 -10.82 7.78 11.45
N LYS A 173 -11.95 8.52 11.39
CA LYS A 173 -13.26 7.91 11.54
CA LYS A 173 -13.27 8.02 11.56
C LYS A 173 -14.07 8.30 10.29
N LYS A 174 -14.78 7.30 9.76
CA LYS A 174 -15.65 7.43 8.58
C LYS A 174 -16.87 6.55 8.79
N ASN A 175 -17.95 6.86 8.11
CA ASN A 175 -19.04 5.99 7.92
C ASN A 175 -18.94 5.31 6.54
N ILE A 176 -19.32 4.06 6.54
CA ILE A 176 -19.31 3.21 5.33
C ILE A 176 -20.68 2.56 5.14
N GLN A 177 -21.26 2.73 3.93
CA GLN A 177 -22.52 2.12 3.59
C GLN A 177 -22.27 1.04 2.61
N LEU A 178 -22.60 -0.18 2.97
CA LEU A 178 -22.47 -1.31 2.10
C LEU A 178 -23.85 -1.48 1.40
N PRO A 179 -23.78 -1.73 0.14
CA PRO A 179 -24.97 -2.12 -0.64
C PRO A 179 -25.62 -3.35 -0.13
N THR A 180 -26.98 -3.36 -0.17
CA THR A 180 -27.79 -4.45 0.31
C THR A 180 -27.52 -5.78 -0.41
N ASN A 181 -27.10 -5.80 -1.69
CA ASN A 181 -26.85 -7.08 -2.37
C ASN A 181 -25.39 -7.55 -2.20
N THR A 182 -24.64 -6.86 -1.32
CA THR A 182 -23.30 -7.39 -0.92
C THR A 182 -23.42 -8.79 -0.35
N GLU A 183 -22.49 -9.71 -0.70
CA GLU A 183 -22.44 -11.02 -0.10
C GLU A 183 -21.26 -11.22 0.86
N LYS A 184 -20.19 -10.50 0.55
CA LYS A 184 -18.95 -10.58 1.32
C LYS A 184 -18.32 -9.19 1.28
N ALA A 185 -17.84 -8.70 2.43
CA ALA A 185 -17.15 -7.39 2.49
C ALA A 185 -15.92 -7.50 3.37
N TYR A 186 -14.90 -6.70 3.03
CA TYR A 186 -13.69 -6.70 3.86
C TYR A 186 -12.90 -5.41 3.61
N LEU A 187 -11.96 -5.17 4.54
CA LEU A 187 -11.01 -4.06 4.48
C LEU A 187 -9.64 -4.53 4.03
N ARG A 188 -8.97 -3.62 3.33
CA ARG A 188 -7.59 -3.81 2.84
C ARG A 188 -6.80 -2.61 3.31
N THR A 189 -5.82 -2.86 4.17
CA THR A 189 -5.00 -1.77 4.76
C THR A 189 -3.54 -1.99 4.56
N THR A 190 -2.83 -0.92 4.25
CA THR A 190 -1.37 -0.91 4.06
C THR A 190 -0.89 0.25 4.99
N ILE A 191 -0.05 -0.08 5.93
CA ILE A 191 0.47 0.93 6.90
C ILE A 191 1.94 0.75 7.10
N SER A 192 2.68 1.85 7.08
CA SER A 192 4.10 1.86 7.33
C SER A 192 4.48 3.10 8.11
N GLY A 193 5.51 2.98 8.95
CA GLY A 193 5.96 4.04 9.82
C GLY A 193 7.30 4.62 9.41
N TRP A 194 7.41 5.92 9.73
CA TRP A 194 8.64 6.73 9.53
C TRP A 194 8.98 7.35 10.87
N GLY A 195 10.28 7.50 11.11
CA GLY A 195 10.80 8.27 12.23
C GLY A 195 11.60 7.44 13.20
N HIS A 196 12.49 8.14 13.94
CA HIS A 196 13.21 7.56 15.05
C HIS A 196 12.97 8.43 16.28
N ALA A 197 11.72 8.86 16.44
CA ALA A 197 11.31 9.75 17.56
C ALA A 197 11.43 9.08 18.91
N LYS A 198 11.85 9.88 19.91
CA LYS A 198 11.90 9.47 21.31
C LYS A 198 10.60 9.83 22.10
N PRO A 199 10.32 9.10 23.19
CA PRO A 199 11.21 8.15 23.82
C PRO A 199 11.37 6.81 23.10
N TYR A 200 12.58 6.26 23.14
CA TYR A 200 12.80 4.95 22.57
C TYR A 200 12.12 3.87 23.37
N ASP A 201 11.65 2.83 22.66
CA ASP A 201 11.41 1.52 23.24
C ASP A 201 12.77 0.84 23.54
N ALA A 202 12.70 -0.29 24.24
CA ALA A 202 13.81 -1.23 24.47
C ALA A 202 14.47 -1.56 23.17
N GLY A 203 15.79 -1.76 23.20
CA GLY A 203 16.53 -1.93 21.98
C GLY A 203 16.75 -0.65 21.17
N SER A 204 16.65 0.53 21.80
CA SER A 204 16.92 1.81 21.16
CA SER A 204 16.90 1.81 21.17
C SER A 204 16.08 1.98 19.89
N ARG A 205 14.81 1.63 19.99
CA ARG A 205 13.88 1.70 18.85
C ARG A 205 12.92 2.88 18.96
N GLY A 206 13.12 3.85 18.08
CA GLY A 206 12.36 5.04 17.99
C GLY A 206 11.12 4.90 17.09
N CYS A 207 10.24 5.88 17.13
CA CYS A 207 8.97 5.73 16.39
C CYS A 207 8.98 6.64 15.17
N ALA A 208 8.26 6.31 14.08
CA ALA A 208 7.50 5.05 13.89
C ALA A 208 8.16 4.02 13.02
N GLU A 209 9.41 4.22 12.60
CA GLU A 209 10.09 3.21 11.78
C GLU A 209 10.36 1.93 12.55
N TRP A 210 10.84 2.09 13.81
CA TRP A 210 11.47 0.99 14.51
C TRP A 210 10.63 0.42 15.65
N CYS A 211 9.72 1.19 16.19
CA CYS A 211 9.03 0.82 17.43
C CYS A 211 7.87 -0.13 17.09
N PHE A 212 7.91 -1.33 17.64
CA PHE A 212 6.88 -2.32 17.39
C PHE A 212 5.57 -1.87 18.07
N ARG A 213 4.45 -1.87 17.29
CA ARG A 213 3.15 -1.35 17.77
C ARG A 213 2.04 -2.24 17.22
N THR A 214 0.94 -2.29 17.96
CA THR A 214 -0.30 -2.94 17.50
C THR A 214 -1.41 -1.92 17.50
N HIS A 215 -1.93 -1.62 16.30
CA HIS A 215 -3.05 -0.69 16.15
C HIS A 215 -4.36 -1.44 15.97
N THR A 216 -5.49 -0.72 16.00
CA THR A 216 -6.78 -1.38 16.02
C THR A 216 -7.77 -0.68 15.10
N ILE A 217 -8.55 -1.44 14.35
CA ILE A 217 -9.72 -0.91 13.65
C ILE A 217 -10.95 -1.23 14.51
N ALA A 218 -11.70 -0.18 14.79
CA ALA A 218 -13.01 -0.28 15.50
C ALA A 218 -14.11 -0.16 14.46
N ILE A 219 -15.07 -1.06 14.61
CA ILE A 219 -16.26 -1.11 13.72
C ILE A 219 -17.46 -0.84 14.64
N ASN A 220 -18.24 0.17 14.31
CA ASN A 220 -19.37 0.60 15.17
C ASN A 220 -18.89 0.76 16.62
N ASN A 221 -17.69 1.32 16.72
CA ASN A 221 -17.02 1.66 17.99
C ASN A 221 -16.37 0.52 18.70
N SER A 222 -16.56 -0.69 18.25
CA SER A 222 -16.02 -1.85 18.92
C SER A 222 -14.69 -2.22 18.34
N ASN A 223 -13.69 -2.37 19.19
CA ASN A 223 -12.41 -2.81 18.68
C ASN A 223 -12.52 -4.21 18.12
N THR A 224 -12.19 -4.34 16.83
CA THR A 224 -12.48 -5.56 16.05
C THR A 224 -11.24 -6.26 15.45
N PHE A 225 -10.38 -5.47 14.80
CA PHE A 225 -9.21 -6.00 14.14
C PHE A 225 -7.93 -5.36 14.67
N GLN A 226 -6.93 -6.19 14.90
CA GLN A 226 -5.61 -5.70 15.37
C GLN A 226 -4.61 -5.84 14.23
N HIS A 227 -3.78 -4.79 14.09
CA HIS A 227 -2.67 -4.76 13.14
C HIS A 227 -1.34 -4.69 13.91
N GLN A 228 -0.67 -5.82 14.02
CA GLN A 228 0.63 -5.90 14.64
C GLN A 228 1.70 -5.48 13.61
N LEU A 229 2.43 -4.39 13.91
CA LEU A 229 3.54 -3.97 13.05
C LEU A 229 4.81 -4.51 13.71
N GLY A 230 5.18 -5.70 13.31
CA GLY A 230 6.25 -6.46 13.97
C GLY A 230 7.41 -6.72 13.04
N ALA A 231 8.28 -7.62 13.50
CA ALA A 231 9.46 -8.00 12.75
C ALA A 231 9.08 -8.90 11.59
N LEU A 232 9.48 -8.53 10.38
CA LEU A 232 9.24 -9.34 9.18
C LEU A 232 10.41 -10.27 8.81
N GLY A 233 11.56 -10.11 9.44
CA GLY A 233 12.74 -10.91 9.02
C GLY A 233 13.50 -10.26 7.91
N CYS A 234 13.92 -9.00 8.12
CA CYS A 234 14.63 -8.25 7.05
C CYS A 234 15.94 -8.93 6.62
N SER A 235 16.60 -9.58 7.56
CA SER A 235 17.83 -10.29 7.21
C SER A 235 17.70 -11.40 6.20
N ALA A 236 16.52 -11.98 6.08
CA ALA A 236 16.20 -13.07 5.17
C ALA A 236 15.77 -12.58 3.77
N ASN A 237 15.78 -11.28 3.56
CA ASN A 237 15.34 -10.72 2.28
C ASN A 237 16.08 -11.40 1.11
N PRO A 238 15.37 -11.92 0.10
CA PRO A 238 16.08 -12.44 -1.05
C PRO A 238 16.83 -11.39 -1.85
N ILE A 239 16.44 -10.11 -1.70
CA ILE A 239 17.26 -9.02 -2.16
C ILE A 239 18.33 -8.77 -1.10
N ASN A 240 19.36 -9.61 -1.19
CA ASN A 240 20.38 -9.69 -0.14
C ASN A 240 21.70 -9.02 -0.51
N ASN A 241 21.68 -8.23 -1.57
CA ASN A 241 22.84 -7.55 -2.06
C ASN A 241 22.79 -6.04 -1.87
N GLN A 242 22.22 -5.62 -0.72
CA GLN A 242 22.05 -4.23 -0.38
C GLN A 242 23.16 -3.57 0.43
N SER A 243 24.21 -4.33 0.76
CA SER A 243 25.41 -3.78 1.42
CA SER A 243 25.34 -3.74 1.46
C SER A 243 26.01 -2.63 0.61
N PRO A 244 26.44 -1.54 1.27
CA PRO A 244 26.56 -1.37 2.73
C PRO A 244 25.40 -0.62 3.41
N GLY A 245 24.24 -0.65 2.79
CA GLY A 245 23.09 -0.06 3.45
C GLY A 245 22.70 -0.90 4.64
N ASN A 246 21.92 -0.25 5.49
CA ASN A 246 21.44 -0.87 6.74
C ASN A 246 20.18 -1.74 6.52
N TRP A 247 20.35 -2.80 5.79
CA TRP A 247 19.22 -3.52 5.23
C TRP A 247 18.74 -4.65 6.11
N THR A 248 19.56 -5.10 7.09
CA THR A 248 19.21 -6.25 7.85
C THR A 248 18.37 -6.07 9.13
N PRO A 249 18.42 -4.88 9.80
CA PRO A 249 17.58 -4.83 11.02
C PRO A 249 16.07 -4.79 10.71
N ASP A 250 15.31 -5.40 11.58
CA ASP A 250 13.85 -5.41 11.42
C ASP A 250 13.27 -4.06 11.77
N ARG A 251 12.47 -3.53 10.85
CA ARG A 251 11.58 -2.37 11.11
C ARG A 251 10.23 -2.89 11.61
N ALA A 252 9.39 -1.98 12.08
CA ALA A 252 8.04 -2.36 12.52
C ALA A 252 7.12 -2.48 11.28
N GLY A 253 6.97 -3.71 10.78
CA GLY A 253 6.01 -3.99 9.71
C GLY A 253 6.49 -3.73 8.31
N TRP A 254 7.79 -3.55 8.09
CA TRP A 254 8.34 -3.39 6.75
C TRP A 254 9.82 -3.72 6.73
N CYS A 255 10.36 -3.84 5.52
CA CYS A 255 11.81 -4.03 5.25
C CYS A 255 12.22 -3.23 4.05
N PRO A 256 13.45 -2.78 4.00
CA PRO A 256 13.98 -2.21 2.76
C PRO A 256 14.09 -3.21 1.66
N GLY A 257 13.65 -2.83 0.47
CA GLY A 257 13.65 -3.78 -0.62
C GLY A 257 12.57 -4.83 -0.53
N MET A 258 11.37 -4.49 -0.02
CA MET A 258 10.29 -5.42 0.15
CA MET A 258 10.26 -5.44 0.09
C MET A 258 8.98 -4.62 -0.03
N ALA A 259 7.96 -5.31 -0.49
CA ALA A 259 6.62 -4.73 -0.43
C ALA A 259 6.18 -4.50 1.02
N VAL A 260 5.39 -3.46 1.22
CA VAL A 260 4.71 -3.28 2.52
C VAL A 260 3.53 -4.23 2.57
N PRO A 261 3.39 -5.05 3.62
CA PRO A 261 2.27 -6.03 3.69
C PRO A 261 0.89 -5.40 3.54
N THR A 262 0.02 -6.18 2.88
CA THR A 262 -1.38 -5.86 2.76
C THR A 262 -2.19 -6.67 3.79
N ARG A 263 -2.95 -5.96 4.62
CA ARG A 263 -3.72 -6.54 5.71
C ARG A 263 -5.17 -6.59 5.37
N ILE A 264 -5.71 -7.81 5.45
CA ILE A 264 -7.06 -8.10 5.03
C ILE A 264 -7.94 -8.49 6.24
N ASP A 265 -9.00 -7.73 6.44
CA ASP A 265 -9.89 -7.89 7.61
C ASP A 265 -11.30 -8.09 7.13
N VAL A 266 -11.86 -9.29 7.39
CA VAL A 266 -13.18 -9.63 6.81
C VAL A 266 -14.27 -9.16 7.76
N LEU A 267 -15.23 -8.42 7.23
CA LEU A 267 -16.29 -7.75 7.97
C LEU A 267 -17.42 -8.72 8.20
N ASN A 268 -18.08 -8.55 9.35
CA ASN A 268 -19.28 -9.36 9.66
C ASN A 268 -20.41 -9.10 8.70
N ASN A 269 -21.06 -10.17 8.24
CA ASN A 269 -22.14 -10.02 7.25
C ASN A 269 -23.39 -9.32 7.77
N SER A 270 -23.49 -9.21 9.08
CA SER A 270 -24.55 -8.43 9.70
C SER A 270 -24.51 -6.98 9.25
N LEU A 271 -23.34 -6.48 8.79
CA LEU A 271 -23.20 -5.10 8.41
C LEU A 271 -23.75 -4.78 7.02
N ILE A 272 -24.03 -5.81 6.24
CA ILE A 272 -24.48 -5.65 4.85
C ILE A 272 -25.84 -4.98 4.89
N GLY A 273 -26.03 -3.99 4.03
CA GLY A 273 -27.27 -3.24 4.00
C GLY A 273 -27.43 -2.18 5.08
N SER A 274 -26.32 -1.88 5.76
CA SER A 274 -26.28 -0.89 6.84
C SER A 274 -25.17 0.10 6.57
N THR A 275 -25.19 1.22 7.31
CA THR A 275 -24.08 2.11 7.38
C THR A 275 -23.40 1.88 8.73
N PHE A 276 -22.09 1.64 8.70
CA PHE A 276 -21.30 1.37 9.92
C PHE A 276 -20.12 2.30 10.02
N SER A 277 -19.65 2.57 11.24
CA SER A 277 -18.45 3.41 11.42
C SER A 277 -17.20 2.57 11.49
N TYR A 278 -16.21 3.15 10.86
CA TYR A 278 -14.83 2.69 10.88
C TYR A 278 -14.02 3.72 11.64
N GLU A 279 -13.11 3.22 12.51
CA GLU A 279 -12.12 4.11 13.12
C GLU A 279 -10.78 3.38 13.15
N TYR A 280 -9.71 4.03 12.67
CA TYR A 280 -8.37 3.49 12.84
C TYR A 280 -7.78 4.13 14.12
N LYS A 281 -7.49 3.29 15.11
CA LYS A 281 -6.94 3.69 16.40
C LYS A 281 -5.48 3.28 16.57
N PHE A 282 -4.63 4.29 16.76
CA PHE A 282 -3.23 4.05 16.94
C PHE A 282 -2.94 3.79 18.39
N GLN A 283 -2.00 2.90 18.63
CA GLN A 283 -1.53 2.57 19.96
C GLN A 283 -1.02 3.83 20.64
N ASN A 284 -1.45 4.05 21.89
CA ASN A 284 -1.06 5.28 22.58
C ASN A 284 0.45 5.40 22.70
N TRP A 285 0.91 6.60 22.40
CA TRP A 285 2.31 6.99 22.49
C TRP A 285 2.43 8.48 22.37
N THR A 286 3.40 9.02 23.12
CA THR A 286 3.67 10.47 23.11
C THR A 286 5.13 10.75 22.77
N ASN A 287 5.30 11.58 21.76
CA ASN A 287 6.59 12.04 21.26
C ASN A 287 7.11 13.14 22.26
N ASN A 288 8.27 12.89 22.86
CA ASN A 288 8.87 13.90 23.79
C ASN A 288 9.57 15.05 23.05
N GLY A 289 9.64 14.96 21.73
CA GLY A 289 10.33 15.94 20.93
C GLY A 289 11.86 15.89 20.97
N THR A 290 12.48 14.91 21.60
CA THR A 290 13.95 14.94 21.68
C THR A 290 14.72 14.24 20.56
N ASN A 291 13.97 13.69 19.58
CA ASN A 291 14.58 13.13 18.38
C ASN A 291 13.70 13.10 17.09
N GLY A 292 13.12 14.24 16.76
CA GLY A 292 12.34 14.44 15.54
C GLY A 292 10.89 13.89 15.65
N ASP A 293 10.31 13.69 14.46
CA ASP A 293 8.88 13.33 14.31
C ASP A 293 8.64 11.90 13.80
N ALA A 294 7.41 11.47 14.00
CA ALA A 294 6.95 10.11 13.58
C ALA A 294 5.66 10.26 12.79
N PHE A 295 5.48 9.43 11.72
CA PHE A 295 4.29 9.42 10.92
C PHE A 295 3.96 8.00 10.49
N TYR A 296 2.67 7.73 10.33
CA TYR A 296 2.21 6.47 9.72
C TYR A 296 1.53 6.73 8.42
N ALA A 297 2.13 6.37 7.31
CA ALA A 297 1.44 6.36 6.05
C ALA A 297 0.46 5.18 6.06
N ILE A 298 -0.76 5.46 5.68
CA ILE A 298 -1.84 4.49 5.71
C ILE A 298 -2.78 4.66 4.58
N SER A 299 -3.19 3.55 3.98
CA SER A 299 -4.39 3.52 3.14
C SER A 299 -5.25 2.37 3.65
N SER A 300 -6.56 2.56 3.65
CA SER A 300 -7.45 1.51 3.93
CA SER A 300 -7.53 1.49 3.96
C SER A 300 -8.63 1.63 2.97
N PHE A 301 -9.02 0.48 2.43
CA PHE A 301 -10.09 0.34 1.42
C PHE A 301 -11.14 -0.59 1.91
N VAL A 302 -12.34 -0.42 1.43
CA VAL A 302 -13.42 -1.39 1.64
C VAL A 302 -13.83 -1.97 0.29
N ILE A 303 -13.86 -3.31 0.30
CA ILE A 303 -14.23 -4.15 -0.85
C ILE A 303 -15.58 -4.80 -0.55
N ALA A 304 -16.50 -4.71 -1.55
CA ALA A 304 -17.77 -5.46 -1.55
C ALA A 304 -17.75 -6.41 -2.73
N LYS A 305 -18.10 -7.65 -2.46
CA LYS A 305 -18.26 -8.71 -3.46
C LYS A 305 -19.67 -9.25 -3.49
N SER A 306 -20.11 -9.61 -4.67
CA SER A 306 -21.45 -10.24 -4.84
C SER A 306 -21.50 -11.01 -6.14
N ASN A 307 -22.46 -11.95 -6.22
CA ASN A 307 -22.80 -12.56 -7.51
C ASN A 307 -23.92 -11.87 -8.32
N THR A 308 -24.47 -10.78 -7.83
CA THR A 308 -25.22 -9.82 -8.67
C THR A 308 -24.46 -8.50 -8.77
N PRO A 309 -24.58 -7.76 -9.88
CA PRO A 309 -23.88 -6.50 -10.00
C PRO A 309 -24.15 -5.57 -8.84
N ILE A 310 -23.09 -4.91 -8.36
CA ILE A 310 -23.17 -4.09 -7.18
C ILE A 310 -22.53 -2.73 -7.38
N SER A 311 -23.04 -1.73 -6.67
CA SER A 311 -22.45 -0.44 -6.61
C SER A 311 -21.23 -0.44 -5.63
N ALA A 312 -20.46 0.63 -5.70
CA ALA A 312 -19.39 0.87 -4.76
C ALA A 312 -20.00 1.17 -3.37
N PRO A 313 -19.38 0.67 -2.30
CA PRO A 313 -19.67 1.23 -1.03
C PRO A 313 -19.53 2.77 -0.99
N VAL A 314 -20.25 3.43 -0.08
CA VAL A 314 -20.25 4.90 0.04
C VAL A 314 -19.64 5.26 1.39
N VAL A 315 -18.53 5.96 1.30
CA VAL A 315 -17.80 6.42 2.46
C VAL A 315 -18.01 7.95 2.67
N THR A 316 -18.41 8.32 3.90
CA THR A 316 -18.68 9.70 4.25
C THR A 316 -17.96 10.06 5.54
N ASN A 317 -17.73 11.37 5.72
CA ASN A 317 -17.33 11.87 7.01
C ASN A 317 -18.44 11.88 8.01
N LEU A 318 -18.07 11.84 9.28
CA LEU A 318 -19.07 12.01 10.33
C LEU A 318 -19.56 13.45 10.28
#